data_5OL7
#
_entry.id   5OL7
#
_cell.length_a   58.920
_cell.length_b   68.417
_cell.length_c   95.924
_cell.angle_alpha   90.00
_cell.angle_beta   90.00
_cell.angle_gamma   90.00
#
_symmetry.space_group_name_H-M   'I 2 2 2'
#
loop_
_entity.id
_entity.type
_entity.pdbx_description
1 polymer 'DNA-directed DNA polymerase,DNA-directed DNA polymerase'
2 non-polymer 'CALCIUM ION'
3 non-polymer 'COBALT (II) ION'
4 water water
#
_entity_poly.entity_id   1
_entity_poly.type   'polypeptide(L)'
_entity_poly.pdbx_seq_one_letter_code
;MVKIATRKYLGKQNVYDIGVERDHNFALKNGFIASACFAHPQALSYETEILTVEYGLLPIGKIVEKRIECTVYSVDNNGN
IYTQPVAQWHDRGEQEVFEYCLEDGSLIRATKDHKFMTVDGQMLPIDEIFERELDLMRVDNLPNHHHHHH
;
_entity_poly.pdbx_strand_id   A
#
loop_
_chem_comp.id
_chem_comp.type
_chem_comp.name
_chem_comp.formula
CA non-polymer 'CALCIUM ION' 'Ca 2'
CO non-polymer 'COBALT (II) ION' 'Co 2'
#
# COMPACT_ATOMS: atom_id res chain seq x y z
N MET A 1 14.40 0.78 1.47
CA MET A 1 15.16 1.33 2.57
C MET A 1 14.85 2.80 2.77
N VAL A 2 13.60 3.10 3.15
CA VAL A 2 13.11 4.47 3.24
C VAL A 2 12.38 4.63 4.55
N LYS A 3 12.81 5.59 5.36
CA LYS A 3 12.12 5.90 6.61
C LYS A 3 11.02 6.91 6.34
N ILE A 4 10.08 6.98 7.28
CA ILE A 4 9.01 7.97 7.24
C ILE A 4 9.46 9.21 8.00
N ALA A 5 9.45 10.36 7.33
CA ALA A 5 9.92 11.59 7.95
C ALA A 5 8.86 12.21 8.87
N THR A 6 7.62 12.33 8.39
CA THR A 6 6.58 13.05 9.12
C THR A 6 5.24 12.34 9.00
N ARG A 7 4.37 12.63 9.96
CA ARG A 7 3.00 12.12 10.01
C ARG A 7 2.05 13.31 10.18
N LYS A 8 0.99 13.34 9.37
CA LYS A 8 -0.02 14.37 9.47
C LYS A 8 -1.43 13.77 9.40
N TYR A 9 -2.28 14.10 10.36
CA TYR A 9 -3.66 13.65 10.33
C TYR A 9 -4.46 14.46 9.33
N LEU A 10 -5.14 13.77 8.41
CA LEU A 10 -5.92 14.44 7.39
C LEU A 10 -7.42 14.49 7.70
N GLY A 11 -7.85 13.85 8.77
CA GLY A 11 -9.26 13.72 9.04
C GLY A 11 -9.85 12.49 8.39
N LYS A 12 -11.18 12.43 8.40
CA LYS A 12 -11.89 11.32 7.80
C LYS A 12 -12.02 11.52 6.29
N GLN A 13 -11.64 10.48 5.55
CA GLN A 13 -11.71 10.50 4.09
C GLN A 13 -12.12 9.13 3.59
N ASN A 14 -12.68 9.05 2.39
CA ASN A 14 -13.03 7.76 1.84
C ASN A 14 -11.75 6.98 1.57
N VAL A 15 -11.79 5.70 1.90
CA VAL A 15 -10.65 4.82 1.69
C VAL A 15 -11.12 3.54 1.03
N TYR A 16 -10.15 2.77 0.56
CA TYR A 16 -10.37 1.68 -0.38
C TYR A 16 -9.36 0.59 -0.10
N ASP A 17 -9.72 -0.65 -0.40
CA ASP A 17 -8.70 -1.69 -0.42
C ASP A 17 -9.03 -2.67 -1.55
N ILE A 18 -8.08 -3.55 -1.83
CA ILE A 18 -8.24 -4.59 -2.82
C ILE A 18 -7.87 -5.90 -2.16
N GLY A 19 -8.34 -7.00 -2.75
CA GLY A 19 -7.98 -8.33 -2.30
C GLY A 19 -7.30 -9.09 -3.41
N VAL A 20 -6.37 -9.98 -3.02
CA VAL A 20 -5.64 -10.85 -3.92
C VAL A 20 -5.68 -12.26 -3.36
N GLU A 21 -5.37 -13.24 -4.21
CA GLU A 21 -5.52 -14.63 -3.82
C GLU A 21 -4.24 -15.32 -3.39
N ARG A 22 -3.08 -14.80 -3.72
CA ARG A 22 -1.80 -15.40 -3.35
C ARG A 22 -1.24 -14.65 -2.14
N ASP A 23 0.02 -14.21 -2.13
CA ASP A 23 0.51 -13.48 -0.98
C ASP A 23 -0.30 -12.20 -0.81
N HIS A 24 -0.60 -11.87 0.44
CA HIS A 24 -1.42 -10.70 0.71
C HIS A 24 -0.65 -9.41 0.75
N ASN A 25 -0.09 -9.04 -0.39
CA ASN A 25 0.59 -7.76 -0.50
C ASN A 25 0.57 -7.31 -1.95
N PHE A 26 0.81 -6.02 -2.16
CA PHE A 26 0.90 -5.50 -3.52
C PHE A 26 1.73 -4.23 -3.49
N ALA A 27 2.31 -3.89 -4.66
CA ALA A 27 3.23 -2.75 -4.72
C ALA A 27 2.49 -1.46 -5.09
N LEU A 28 2.86 -0.39 -4.38
CA LEU A 28 2.41 0.96 -4.69
C LEU A 28 3.42 1.64 -5.58
N LYS A 29 3.09 2.87 -6.00
CA LYS A 29 4.05 3.73 -6.67
C LYS A 29 5.35 3.77 -5.87
N ASN A 30 6.47 3.66 -6.57
CA ASN A 30 7.79 3.74 -5.96
C ASN A 30 8.27 2.42 -5.36
N GLY A 31 7.38 1.44 -5.31
CA GLY A 31 7.80 0.11 -4.91
C GLY A 31 7.59 -0.23 -3.46
N PHE A 32 6.80 0.54 -2.73
CA PHE A 32 6.45 0.18 -1.37
C PHE A 32 5.39 -0.92 -1.39
N ILE A 33 5.42 -1.77 -0.38
CA ILE A 33 4.66 -3.01 -0.36
C ILE A 33 3.57 -2.92 0.71
N ALA A 34 2.32 -2.78 0.26
CA ALA A 34 1.16 -2.65 1.12
C ALA A 34 0.56 -4.02 1.41
N SER A 35 0.00 -4.16 2.61
CA SER A 35 -0.70 -5.38 2.96
C SER A 35 -2.06 -5.44 2.27
N ALA A 36 -2.47 -6.64 1.87
CA ALA A 36 -3.83 -6.89 1.38
C ALA A 36 -4.54 -7.91 2.27
N CYS A 37 -4.10 -8.02 3.52
CA CYS A 37 -4.80 -8.89 4.44
C CYS A 37 -6.21 -8.39 4.68
N PHE A 38 -7.08 -9.32 5.04
CA PHE A 38 -8.45 -8.98 5.40
C PHE A 38 -8.46 -8.32 6.77
N ALA A 39 -8.36 -7.00 6.79
CA ALA A 39 -8.11 -6.29 8.04
C ALA A 39 -8.77 -4.92 7.96
N HIS A 40 -9.25 -4.45 9.11
CA HIS A 40 -10.01 -3.22 9.21
C HIS A 40 -9.47 -2.39 10.37
N PRO A 41 -9.35 -1.07 10.22
CA PRO A 41 -9.77 -0.21 9.10
C PRO A 41 -8.87 -0.25 7.88
N GLN A 42 -7.75 -0.97 7.97
CA GLN A 42 -6.73 -0.91 6.93
C GLN A 42 -7.29 -0.65 5.55
N ALA A 43 -6.92 0.51 5.02
CA ALA A 43 -7.36 0.91 3.68
C ALA A 43 -6.60 2.16 3.29
N LEU A 44 -6.69 2.51 2.00
CA LEU A 44 -5.85 3.55 1.41
C LEU A 44 -6.69 4.67 0.81
N SER A 45 -6.13 5.87 0.81
CA SER A 45 -6.83 7.01 0.22
C SER A 45 -7.02 6.82 -1.28
N TYR A 46 -8.03 7.50 -1.82
CA TYR A 46 -8.40 7.33 -3.23
C TYR A 46 -7.20 7.41 -4.16
N GLU A 47 -6.42 8.46 -3.98
CA GLU A 47 -5.26 8.76 -4.84
C GLU A 47 -4.10 7.77 -4.84
N THR A 48 -3.99 6.98 -3.80
CA THR A 48 -2.88 6.06 -3.66
C THR A 48 -2.72 5.23 -4.92
N GLU A 49 -1.56 5.33 -5.56
CA GLU A 49 -1.37 4.67 -6.85
C GLU A 49 -0.80 3.26 -6.67
N ILE A 50 -1.47 2.30 -7.31
CA ILE A 50 -1.04 0.91 -7.39
C ILE A 50 -0.40 0.68 -8.76
N LEU A 51 0.75 0.00 -8.77
CA LEU A 51 1.34 -0.38 -10.05
C LEU A 51 0.58 -1.56 -10.65
N THR A 52 0.02 -1.38 -11.84
CA THR A 52 -0.61 -2.50 -12.53
C THR A 52 0.16 -2.85 -13.79
N VAL A 53 0.12 -4.12 -14.15
CA VAL A 53 0.79 -4.59 -15.36
C VAL A 53 0.18 -3.95 -16.59
N GLU A 54 -1.15 -3.87 -16.61
CA GLU A 54 -1.86 -3.51 -17.82
C GLU A 54 -1.88 -2.02 -18.07
N TYR A 55 -1.99 -1.22 -17.01
CA TYR A 55 -2.21 0.21 -17.14
C TYR A 55 -1.14 1.06 -16.47
N GLY A 56 -0.11 0.45 -15.88
CA GLY A 56 0.80 1.27 -15.12
C GLY A 56 0.16 1.72 -13.82
N LEU A 57 0.57 2.88 -13.34
CA LEU A 57 0.08 3.38 -12.06
C LEU A 57 -1.37 3.84 -12.20
N LEU A 58 -2.24 3.33 -11.32
CA LEU A 58 -3.62 3.77 -11.24
C LEU A 58 -4.00 4.04 -9.79
N PRO A 59 -4.82 5.07 -9.55
CA PRO A 59 -5.30 5.30 -8.18
C PRO A 59 -6.19 4.16 -7.72
N ILE A 60 -5.99 3.72 -6.46
CA ILE A 60 -6.79 2.61 -5.97
C ILE A 60 -8.28 2.97 -5.98
N GLY A 61 -8.63 4.25 -5.76
CA GLY A 61 -10.03 4.62 -5.72
C GLY A 61 -10.69 4.43 -7.08
N LYS A 62 -9.93 4.66 -8.14
CA LYS A 62 -10.41 4.39 -9.48
C LYS A 62 -10.51 2.90 -9.74
N ILE A 63 -9.47 2.15 -9.38
CA ILE A 63 -9.52 0.69 -9.52
C ILE A 63 -10.77 0.14 -8.84
N VAL A 64 -11.06 0.62 -7.63
CA VAL A 64 -12.18 0.08 -6.87
C VAL A 64 -13.51 0.59 -7.41
N GLU A 65 -13.61 1.91 -7.65
CA GLU A 65 -14.91 2.45 -8.06
C GLU A 65 -15.38 1.87 -9.38
N LYS A 66 -14.45 1.64 -10.30
CA LYS A 66 -14.78 1.08 -11.60
C LYS A 66 -14.57 -0.43 -11.66
N ARG A 67 -14.11 -1.01 -10.55
CA ARG A 67 -13.86 -2.46 -10.47
C ARG A 67 -12.95 -2.92 -11.59
N ILE A 68 -11.83 -2.23 -11.75
CA ILE A 68 -10.91 -2.48 -12.85
C ILE A 68 -10.23 -3.83 -12.65
N GLU A 69 -10.40 -4.72 -13.63
CA GLU A 69 -9.66 -5.96 -13.68
C GLU A 69 -8.21 -5.65 -14.02
N CYS A 70 -7.30 -6.02 -13.13
CA CYS A 70 -5.91 -5.70 -13.41
C CYS A 70 -5.03 -6.62 -12.56
N THR A 71 -3.73 -6.51 -12.81
CA THR A 71 -2.72 -7.40 -12.25
C THR A 71 -1.70 -6.56 -11.50
N VAL A 72 -1.41 -6.94 -10.27
CA VAL A 72 -0.52 -6.17 -9.40
C VAL A 72 0.77 -6.96 -9.19
N TYR A 73 1.73 -6.31 -8.56
CA TYR A 73 3.03 -6.91 -8.25
C TYR A 73 3.09 -7.22 -6.76
N SER A 74 3.62 -8.39 -6.43
CA SER A 74 3.60 -8.90 -5.07
C SER A 74 4.95 -9.53 -4.76
N VAL A 75 5.21 -9.71 -3.47
N VAL A 75 5.24 -9.71 -3.48
CA VAL A 75 6.47 -10.27 -2.98
CA VAL A 75 6.50 -10.28 -3.04
C VAL A 75 6.17 -11.58 -2.26
C VAL A 75 6.22 -11.56 -2.26
N ASP A 76 6.91 -12.63 -2.61
CA ASP A 76 6.71 -13.91 -1.94
C ASP A 76 7.59 -13.97 -0.69
N ASN A 77 7.49 -15.07 0.05
CA ASN A 77 8.19 -15.13 1.33
C ASN A 77 9.70 -15.26 1.19
N ASN A 78 10.20 -15.51 -0.01
CA ASN A 78 11.64 -15.47 -0.27
C ASN A 78 12.10 -14.16 -0.87
N GLY A 79 11.20 -13.19 -1.05
CA GLY A 79 11.58 -11.91 -1.58
C GLY A 79 11.51 -11.79 -3.09
N ASN A 80 11.00 -12.80 -3.78
CA ASN A 80 10.88 -12.74 -5.23
C ASN A 80 9.62 -11.97 -5.62
N ILE A 81 9.71 -11.24 -6.72
CA ILE A 81 8.61 -10.43 -7.23
C ILE A 81 7.81 -11.27 -8.24
N TYR A 82 6.49 -11.22 -8.14
CA TYR A 82 5.62 -11.86 -9.13
C TYR A 82 4.37 -11.01 -9.32
N THR A 83 3.54 -11.41 -10.27
CA THR A 83 2.30 -10.70 -10.54
C THR A 83 1.10 -11.58 -10.26
N GLN A 84 -0.01 -10.97 -9.89
CA GLN A 84 -1.23 -11.72 -9.62
C GLN A 84 -2.42 -10.79 -9.79
N PRO A 85 -3.56 -11.32 -10.19
CA PRO A 85 -4.72 -10.46 -10.47
C PRO A 85 -5.41 -9.98 -9.20
N VAL A 86 -5.98 -8.78 -9.31
CA VAL A 86 -6.90 -8.30 -8.28
C VAL A 86 -8.14 -9.20 -8.26
N ALA A 87 -8.54 -9.62 -7.06
CA ALA A 87 -9.66 -10.51 -6.88
C ALA A 87 -10.83 -9.89 -6.14
N GLN A 88 -10.61 -8.82 -5.37
CA GLN A 88 -11.69 -8.13 -4.66
C GLN A 88 -11.44 -6.64 -4.72
N TRP A 89 -12.55 -5.88 -4.68
CA TRP A 89 -12.55 -4.42 -4.73
C TRP A 89 -13.49 -3.91 -3.64
N HIS A 90 -12.98 -3.09 -2.72
CA HIS A 90 -13.85 -2.63 -1.64
C HIS A 90 -13.73 -1.12 -1.42
N ASP A 91 -14.88 -0.46 -1.45
CA ASP A 91 -15.02 0.90 -0.93
C ASP A 91 -15.32 0.77 0.56
N ARG A 92 -14.41 1.23 1.40
CA ARG A 92 -14.53 1.04 2.84
C ARG A 92 -15.12 2.25 3.54
N GLY A 93 -15.67 3.19 2.79
CA GLY A 93 -16.30 4.34 3.41
C GLY A 93 -15.28 5.28 4.03
N GLU A 94 -15.80 6.21 4.82
CA GLU A 94 -14.96 7.20 5.47
C GLU A 94 -14.22 6.57 6.66
N GLN A 95 -12.91 6.80 6.72
CA GLN A 95 -12.10 6.36 7.84
C GLN A 95 -11.08 7.45 8.15
N GLU A 96 -10.50 7.38 9.33
CA GLU A 96 -9.46 8.32 9.71
C GLU A 96 -8.22 8.05 8.87
N VAL A 97 -7.71 9.09 8.19
CA VAL A 97 -6.57 8.93 7.31
C VAL A 97 -5.41 9.79 7.80
N PHE A 98 -4.21 9.22 7.75
CA PHE A 98 -2.98 9.91 8.09
C PHE A 98 -2.09 9.97 6.86
N GLU A 99 -1.44 11.11 6.68
CA GLU A 99 -0.52 11.31 5.58
C GLU A 99 0.90 11.12 6.09
N TYR A 100 1.60 10.14 5.56
CA TYR A 100 2.98 9.88 5.92
C TYR A 100 3.87 10.36 4.78
N CYS A 101 4.78 11.28 5.07
N CYS A 101 4.79 11.28 5.08
CA CYS A 101 5.72 11.75 4.06
CA CYS A 101 5.76 11.76 4.10
C CYS A 101 7.05 11.06 4.32
C CYS A 101 7.08 11.05 4.33
N LEU A 102 7.57 10.38 3.29
CA LEU A 102 8.76 9.55 3.42
C LEU A 102 10.00 10.35 3.09
N GLU A 103 11.15 9.84 3.55
CA GLU A 103 12.42 10.54 3.31
C GLU A 103 12.82 10.59 1.84
N ASP A 104 12.19 9.81 0.97
CA ASP A 104 12.41 9.90 -0.46
C ASP A 104 11.38 10.81 -1.14
N GLY A 105 10.60 11.55 -0.36
CA GLY A 105 9.59 12.43 -0.90
C GLY A 105 8.27 11.77 -1.21
N SER A 106 8.19 10.44 -1.10
CA SER A 106 6.94 9.72 -1.33
C SER A 106 5.92 10.09 -0.26
N LEU A 107 4.64 9.98 -0.62
CA LEU A 107 3.53 10.21 0.28
C LEU A 107 2.67 8.96 0.33
N ILE A 108 2.30 8.53 1.53
CA ILE A 108 1.33 7.46 1.69
C ILE A 108 0.22 7.97 2.58
N ARG A 109 -1.01 7.94 2.08
CA ARG A 109 -2.18 8.34 2.86
C ARG A 109 -3.00 7.10 3.16
N ALA A 110 -3.03 6.70 4.42
CA ALA A 110 -3.60 5.42 4.78
C ALA A 110 -4.21 5.54 6.17
N THR A 111 -5.10 4.61 6.49
CA THR A 111 -5.45 4.44 7.89
C THR A 111 -4.18 4.04 8.63
N LYS A 112 -4.05 4.49 9.88
CA LYS A 112 -2.73 4.39 10.50
C LYS A 112 -2.39 2.97 10.95
N ASP A 113 -3.36 2.06 10.91
CA ASP A 113 -3.10 0.65 11.15
C ASP A 113 -2.57 -0.06 9.92
N HIS A 114 -2.63 0.55 8.74
CA HIS A 114 -2.35 -0.17 7.50
C HIS A 114 -0.97 -0.80 7.58
N LYS A 115 -0.91 -2.11 7.37
CA LYS A 115 0.39 -2.76 7.42
C LYS A 115 1.13 -2.58 6.10
N PHE A 116 2.43 -2.34 6.24
CA PHE A 116 3.36 -2.22 5.13
C PHE A 116 4.57 -3.05 5.46
N MET A 117 5.32 -3.43 4.42
CA MET A 117 6.50 -4.27 4.62
C MET A 117 7.72 -3.44 5.00
N THR A 118 8.42 -3.85 6.07
CA THR A 118 9.68 -3.17 6.41
C THR A 118 10.82 -3.94 5.75
N VAL A 119 12.04 -3.40 5.87
CA VAL A 119 13.15 -3.95 5.09
C VAL A 119 13.53 -5.36 5.49
N ASP A 120 13.07 -5.82 6.66
CA ASP A 120 13.34 -7.17 7.11
C ASP A 120 12.34 -8.18 6.55
N GLY A 121 11.36 -7.71 5.77
CA GLY A 121 10.38 -8.57 5.18
C GLY A 121 9.12 -8.77 6.00
N GLN A 122 9.05 -8.14 7.17
CA GLN A 122 7.89 -8.26 8.03
C GLN A 122 6.84 -7.17 7.77
N MET A 123 5.59 -7.47 8.14
CA MET A 123 4.48 -6.52 7.96
C MET A 123 4.21 -5.83 9.29
N LEU A 124 4.24 -4.50 9.31
CA LEU A 124 3.94 -3.73 10.50
C LEU A 124 3.00 -2.57 10.17
N PRO A 125 2.18 -2.14 11.13
CA PRO A 125 1.35 -0.94 10.91
C PRO A 125 2.22 0.25 10.56
N ILE A 126 1.76 1.04 9.58
CA ILE A 126 2.55 2.19 9.14
C ILE A 126 2.81 3.15 10.29
N ASP A 127 1.86 3.28 11.22
CA ASP A 127 2.11 4.20 12.33
C ASP A 127 3.26 3.73 13.19
N GLU A 128 3.40 2.42 13.35
CA GLU A 128 4.51 1.87 14.13
C GLU A 128 5.81 2.04 13.37
N ILE A 129 5.79 1.82 12.06
CA ILE A 129 6.97 2.08 11.25
C ILE A 129 7.44 3.52 11.45
N PHE A 130 6.50 4.47 11.48
CA PHE A 130 6.84 5.86 11.70
C PHE A 130 7.41 6.09 13.09
N GLU A 131 6.70 5.66 14.11
CA GLU A 131 7.12 5.92 15.49
C GLU A 131 8.45 5.29 15.86
N ARG A 132 8.70 4.09 15.36
CA ARG A 132 9.92 3.37 15.68
C ARG A 132 11.02 3.64 14.67
N GLU A 133 10.78 4.54 13.72
CA GLU A 133 11.79 5.01 12.77
C GLU A 133 12.39 3.85 11.98
N LEU A 134 11.53 2.95 11.53
CA LEU A 134 11.93 1.80 10.73
C LEU A 134 11.98 2.17 9.25
N ASP A 135 12.64 1.31 8.48
CA ASP A 135 12.78 1.49 7.05
C ASP A 135 11.75 0.64 6.33
N LEU A 136 10.98 1.28 5.46
CA LEU A 136 10.08 0.55 4.59
C LEU A 136 10.84 -0.15 3.48
N MET A 137 10.38 -1.36 3.14
N MET A 137 10.41 -1.36 3.15
CA MET A 137 10.86 -2.04 1.96
CA MET A 137 10.94 -2.01 1.96
C MET A 137 10.48 -1.24 0.71
C MET A 137 10.50 -1.25 0.72
N ARG A 138 11.43 -1.08 -0.21
CA ARG A 138 11.14 -0.39 -1.47
C ARG A 138 11.73 -1.23 -2.59
N VAL A 139 10.86 -1.84 -3.39
CA VAL A 139 11.28 -2.67 -4.51
C VAL A 139 11.59 -1.72 -5.68
N ASP A 140 12.86 -1.64 -6.08
CA ASP A 140 13.23 -0.76 -7.19
C ASP A 140 13.20 -1.44 -8.56
N ASN A 141 12.99 -2.76 -8.54
CA ASN A 141 12.95 -3.61 -9.74
C ASN A 141 11.81 -3.37 -10.75
N LEU A 142 10.63 -3.02 -10.25
CA LEU A 142 9.42 -2.87 -11.06
C LEU A 142 9.41 -1.88 -12.24
N PRO A 143 8.74 -2.30 -13.32
CA PRO A 143 8.53 -1.59 -14.60
C PRO A 143 7.43 -0.52 -14.50
CA CA B . -9.30 -3.51 4.82
CO CO C . -3.68 -12.06 5.07
#